data_3OAH
#
_entry.id   3OAH
#
_cell.length_a   263.000
_cell.length_b   263.000
_cell.length_c   609.000
_cell.angle_alpha   90.00
_cell.angle_beta   90.00
_cell.angle_gamma   120.00
#
_symmetry.space_group_name_H-M   'H 3 2'
#
loop_
_entity.id
_entity.type
_entity.pdbx_description
1 polymer 'Capsid protein VP1'
2 non-polymer 6-AMINOPYRIMIDIN-2(1H)-ONE
3 non-polymer 9-(2-deoxy-5-O-phosphono-alpha-D-threo-pentofuranosyl)-9H-purin-6-amine
4 water water
#
_entity_poly.entity_id   1
_entity_poly.type   'polypeptide(L)'
_entity_poly.pdbx_seq_one_letter_code
;MASGGGAPMADNNEGADGVGNASGNWHCDSTWLGDRVITTSTRTWALPTYNNHLYKQISSASTGASNDNHYFGYSTPWGY
FDFNRFHCHFSPRDWQRLINNNWGFRPKRLNFKLFNIQVKEVTTNDGVTTIANNLTSTVQVFSDSEYQLPYVLGSAHQGC
LPPFPADVFMIPQYGYLTLNNGSQAVGRSSFYCLEYFPSQMLRTGNNFTFSYTFEDVPFHSSYAHSQSLDRLMNPLIDQY
LYYLNRTQNQSGSAQNKDLLFSRGSPAGMSVQPKNWLPGPCYRQQRVSKTKTDNNNSNFTWTGASKYNLNGRESIINPGT
AMASHKDDKDKFFPMSGVMIFGKESAGASNTALDNVMITDEEEIKATNPVATERFGTVAVNLQSSSTDPATGDVHVMGAL
PGMVWQDRDVYLQGPIWAKIPHTDGHFHPSPLMGGFGLKHPPPQILIKNTPVPANPPAEFSATKFASFITQYSTGQVSVE
IEWELQKENSKRWNPEVQYTSNYAKSANVDFTVDNNGLYTEPRPIGTRYLTRPL
;
_entity_poly.pdbx_strand_id   A
#
# COMPACT_ATOMS: atom_id res chain seq x y z
N ALA A 16 -20.58 30.77 -11.14
CA ALA A 16 -21.89 30.43 -10.62
C ALA A 16 -22.00 28.96 -10.26
N ASP A 17 -23.16 28.59 -9.74
CA ASP A 17 -24.25 29.55 -9.70
C ASP A 17 -24.49 30.21 -8.34
N GLY A 18 -25.55 29.80 -7.60
CA GLY A 18 -26.04 30.55 -6.42
C GLY A 18 -25.89 30.06 -4.96
N VAL A 19 -26.56 30.67 -3.96
CA VAL A 19 -26.34 30.27 -2.59
C VAL A 19 -27.31 29.11 -2.38
N GLY A 20 -28.57 29.34 -2.74
CA GLY A 20 -29.57 28.31 -2.58
C GLY A 20 -29.68 27.40 -3.80
N ASN A 21 -28.53 26.98 -4.32
CA ASN A 21 -28.54 26.12 -5.48
C ASN A 21 -27.46 25.06 -5.40
N ALA A 22 -27.84 23.80 -5.32
CA ALA A 22 -26.87 22.70 -5.24
C ALA A 22 -25.92 22.78 -6.43
N SER A 23 -24.63 22.65 -6.18
CA SER A 23 -23.64 22.73 -7.25
C SER A 23 -23.16 21.37 -7.72
N GLY A 24 -23.87 20.31 -7.32
CA GLY A 24 -23.47 18.98 -7.73
C GLY A 24 -24.37 17.94 -7.11
N ASN A 25 -24.53 16.81 -7.79
CA ASN A 25 -25.35 15.75 -7.26
C ASN A 25 -24.52 14.61 -6.69
N TRP A 26 -25.20 13.67 -6.05
CA TRP A 26 -24.56 12.51 -5.45
C TRP A 26 -24.45 11.36 -6.47
N HIS A 27 -23.39 11.38 -7.25
CA HIS A 27 -23.14 10.28 -8.16
C HIS A 27 -22.41 9.27 -7.35
N CYS A 28 -22.89 8.04 -7.34
CA CYS A 28 -22.18 7.02 -6.57
C CYS A 28 -22.75 5.66 -6.92
N ASP A 29 -22.20 5.06 -7.96
CA ASP A 29 -22.67 3.78 -8.48
C ASP A 29 -21.44 2.94 -8.83
N SER A 30 -21.65 1.95 -9.68
CA SER A 30 -20.59 1.07 -10.17
C SER A 30 -21.21 0.50 -11.44
N THR A 31 -20.46 0.49 -12.53
CA THR A 31 -21.00 -0.02 -13.78
C THR A 31 -20.08 -1.03 -14.44
N TRP A 32 -20.61 -2.20 -14.75
CA TRP A 32 -19.81 -3.22 -15.41
C TRP A 32 -20.13 -3.27 -16.90
N LEU A 33 -19.09 -3.19 -17.72
CA LEU A 33 -19.25 -3.18 -19.19
C LEU A 33 -18.31 -4.14 -19.90
N GLY A 34 -18.38 -5.41 -19.57
CA GLY A 34 -17.52 -6.40 -20.21
C GLY A 34 -16.09 -6.34 -19.73
N ASP A 35 -15.26 -5.57 -20.44
CA ASP A 35 -13.86 -5.45 -20.07
C ASP A 35 -13.61 -4.12 -19.35
N ARG A 36 -14.69 -3.42 -19.01
CA ARG A 36 -14.54 -2.15 -18.31
C ARG A 36 -15.44 -2.15 -17.08
N VAL A 37 -15.13 -1.29 -16.12
CA VAL A 37 -15.92 -1.18 -14.91
C VAL A 37 -15.71 0.20 -14.33
N ILE A 38 -16.75 1.03 -14.28
CA ILE A 38 -16.57 2.36 -13.75
C ILE A 38 -17.10 2.43 -12.34
N THR A 39 -16.20 2.75 -11.42
CA THR A 39 -16.58 2.89 -10.03
C THR A 39 -16.57 4.36 -9.78
N THR A 40 -17.66 4.84 -9.24
CA THR A 40 -17.78 6.24 -8.94
C THR A 40 -18.41 6.34 -7.56
N SER A 41 -17.65 6.84 -6.59
CA SER A 41 -18.18 6.95 -5.24
C SER A 41 -17.98 8.36 -4.70
N THR A 42 -18.96 8.82 -3.94
CA THR A 42 -18.91 10.15 -3.36
C THR A 42 -19.13 10.12 -1.86
N ARG A 43 -18.33 10.89 -1.13
CA ARG A 43 -18.42 10.95 0.32
C ARG A 43 -18.54 12.42 0.68
N THR A 44 -19.07 12.70 1.87
CA THR A 44 -19.21 14.08 2.33
C THR A 44 -18.09 14.34 3.37
N TRP A 45 -17.36 15.45 3.19
CA TRP A 45 -16.22 15.79 4.05
C TRP A 45 -16.32 17.01 4.96
N ALA A 46 -15.35 17.12 5.88
CA ALA A 46 -15.27 18.24 6.83
C ALA A 46 -13.82 18.70 6.93
N LEU A 47 -13.59 20.00 6.72
CA LEU A 47 -12.24 20.56 6.76
C LEU A 47 -12.08 21.66 7.80
N PRO A 48 -11.20 21.45 8.78
CA PRO A 48 -10.94 22.43 9.83
C PRO A 48 -9.91 23.47 9.41
N THR A 49 -9.57 24.37 10.32
CA THR A 49 -8.56 25.35 10.02
C THR A 49 -7.35 24.79 10.75
N TYR A 50 -6.30 24.48 10.00
CA TYR A 50 -5.10 23.90 10.62
C TYR A 50 -4.02 24.92 10.95
N ASN A 51 -3.35 24.75 12.08
CA ASN A 51 -2.26 25.66 12.48
C ASN A 51 -2.64 27.13 12.55
N ASN A 52 -3.93 27.44 12.57
CA ASN A 52 -4.34 28.83 12.60
C ASN A 52 -3.85 29.56 11.36
N HIS A 53 -3.86 28.89 10.23
CA HIS A 53 -3.42 29.46 8.97
C HIS A 53 -1.92 29.70 8.97
N LEU A 54 -1.18 28.92 9.76
CA LEU A 54 0.26 29.12 9.81
C LEU A 54 1.12 27.99 9.32
N TYR A 55 2.20 28.33 8.64
CA TYR A 55 3.14 27.32 8.20
C TYR A 55 4.05 27.20 9.40
N LYS A 56 4.35 25.98 9.83
CA LYS A 56 5.24 25.81 10.98
C LYS A 56 6.38 24.83 10.74
N GLN A 57 7.57 25.21 11.17
CA GLN A 57 8.73 24.35 11.04
C GLN A 57 8.56 23.31 12.11
N ILE A 58 8.90 22.05 11.82
CA ILE A 58 8.77 20.97 12.78
C ILE A 58 9.96 20.02 12.71
N SER A 59 10.34 19.44 13.85
CA SER A 59 11.47 18.51 13.85
C SER A 59 11.48 17.58 15.05
N SER A 60 12.31 16.55 14.96
CA SER A 60 12.46 15.58 16.05
C SER A 60 13.20 16.27 17.18
N ALA A 61 13.62 17.49 16.92
CA ALA A 61 14.35 18.32 17.88
C ALA A 61 13.67 18.40 19.23
N SER A 62 14.41 18.06 20.28
CA SER A 62 13.91 18.11 21.64
C SER A 62 12.81 17.09 21.94
N THR A 63 12.88 15.92 21.31
CA THR A 63 11.89 14.85 21.55
C THR A 63 12.63 13.71 22.22
N GLY A 64 13.95 13.83 22.23
CA GLY A 64 14.78 12.78 22.79
C GLY A 64 14.70 11.58 21.84
N ALA A 65 14.07 11.80 20.69
CA ALA A 65 13.89 10.76 19.68
C ALA A 65 15.18 10.02 19.35
N SER A 66 15.03 8.71 19.12
CA SER A 66 16.15 7.85 18.76
C SER A 66 16.93 8.51 17.64
N ASN A 67 18.09 7.96 17.33
CA ASN A 67 18.89 8.53 16.27
C ASN A 67 18.28 8.24 14.90
N ASP A 68 17.58 7.11 14.81
CA ASP A 68 16.96 6.72 13.55
C ASP A 68 15.65 7.41 13.30
N ASN A 69 15.11 8.09 14.31
CA ASN A 69 13.84 8.76 14.14
C ASN A 69 13.91 10.27 13.94
N HIS A 70 15.10 10.82 13.77
CA HIS A 70 15.19 12.26 13.57
C HIS A 70 14.58 12.67 12.26
N TYR A 71 14.14 13.92 12.17
CA TYR A 71 13.52 14.40 10.95
C TYR A 71 13.31 15.90 11.00
N PHE A 72 13.26 16.52 9.82
CA PHE A 72 13.05 17.95 9.74
C PHE A 72 12.05 18.21 8.64
N GLY A 73 11.12 19.14 8.88
CA GLY A 73 10.11 19.42 7.87
C GLY A 73 9.22 20.59 8.24
N TYR A 74 8.09 20.70 7.54
CA TYR A 74 7.16 21.78 7.79
C TYR A 74 5.72 21.30 7.81
N SER A 75 4.91 21.84 8.71
CA SER A 75 3.50 21.46 8.73
C SER A 75 2.75 22.60 8.05
N THR A 76 1.85 22.25 7.16
CA THR A 76 1.11 23.21 6.38
C THR A 76 -0.31 23.50 6.84
N PRO A 77 -0.84 24.67 6.50
CA PRO A 77 -2.20 25.10 6.85
C PRO A 77 -3.21 24.49 5.90
N TRP A 78 -2.72 23.69 4.96
CA TRP A 78 -3.58 23.05 3.97
C TRP A 78 -3.99 21.62 4.28
N GLY A 79 -5.09 21.22 3.64
CA GLY A 79 -5.60 19.87 3.79
C GLY A 79 -5.50 19.22 2.43
N TYR A 80 -5.53 17.90 2.36
CA TYR A 80 -5.41 17.25 1.07
C TYR A 80 -6.39 16.10 0.92
N PHE A 81 -6.81 15.85 -0.32
CA PHE A 81 -7.73 14.75 -0.58
C PHE A 81 -6.92 13.52 -0.91
N ASP A 82 -7.35 12.37 -0.41
CA ASP A 82 -6.65 11.12 -0.63
C ASP A 82 -7.61 9.95 -0.75
N PHE A 83 -7.66 9.35 -1.94
CA PHE A 83 -8.54 8.21 -2.18
C PHE A 83 -7.70 7.06 -2.71
N ASN A 84 -6.51 6.92 -2.15
CA ASN A 84 -5.59 5.89 -2.58
C ASN A 84 -5.74 4.56 -1.83
N ARG A 85 -6.97 4.05 -1.78
CA ARG A 85 -7.27 2.78 -1.14
C ARG A 85 -8.43 2.15 -1.89
N PHE A 86 -8.28 0.88 -2.24
CA PHE A 86 -9.31 0.21 -3.01
C PHE A 86 -10.72 0.32 -2.45
N HIS A 87 -10.86 0.26 -1.14
CA HIS A 87 -12.21 0.33 -0.61
C HIS A 87 -12.84 1.71 -0.73
N CYS A 88 -12.16 2.64 -1.38
CA CYS A 88 -12.72 3.98 -1.57
C CYS A 88 -13.58 3.93 -2.81
N HIS A 89 -13.36 2.90 -3.62
CA HIS A 89 -14.06 2.76 -4.87
C HIS A 89 -14.83 1.46 -5.04
N PHE A 90 -14.35 0.38 -4.45
CA PHE A 90 -15.06 -0.88 -4.59
C PHE A 90 -15.80 -1.28 -3.33
N SER A 91 -17.06 -1.65 -3.49
CA SER A 91 -17.85 -2.10 -2.35
C SER A 91 -17.35 -3.52 -2.10
N PRO A 92 -17.66 -4.09 -0.93
CA PRO A 92 -17.17 -5.45 -0.75
C PRO A 92 -17.69 -6.35 -1.86
N ARG A 93 -18.97 -6.21 -2.20
CA ARG A 93 -19.53 -7.05 -3.23
C ARG A 93 -18.85 -6.86 -4.57
N ASP A 94 -18.59 -5.61 -4.95
CA ASP A 94 -17.92 -5.36 -6.22
C ASP A 94 -16.56 -6.02 -6.23
N TRP A 95 -15.81 -5.83 -5.15
CA TRP A 95 -14.49 -6.41 -5.02
C TRP A 95 -14.59 -7.89 -5.28
N GLN A 96 -15.66 -8.50 -4.79
CA GLN A 96 -15.90 -9.92 -4.97
C GLN A 96 -16.02 -10.17 -6.46
N ARG A 97 -16.98 -9.48 -7.09
CA ARG A 97 -17.19 -9.62 -8.53
C ARG A 97 -15.84 -9.61 -9.24
N LEU A 98 -15.04 -8.59 -8.94
CA LEU A 98 -13.73 -8.42 -9.53
C LEU A 98 -12.79 -9.60 -9.34
N ILE A 99 -12.39 -9.85 -8.10
CA ILE A 99 -11.46 -10.93 -7.82
C ILE A 99 -11.87 -12.34 -8.20
N ASN A 100 -13.17 -12.60 -8.28
CA ASN A 100 -13.65 -13.94 -8.61
C ASN A 100 -13.80 -14.27 -10.09
N ASN A 101 -13.65 -13.29 -10.97
CA ASN A 101 -13.83 -13.56 -12.39
C ASN A 101 -12.83 -12.96 -13.35
N ASN A 102 -11.89 -12.18 -12.83
CA ASN A 102 -10.92 -11.56 -13.70
C ASN A 102 -9.49 -11.90 -13.36
N TRP A 103 -8.66 -12.02 -14.40
CA TRP A 103 -7.25 -12.35 -14.21
C TRP A 103 -6.40 -11.14 -13.98
N GLY A 104 -7.00 -9.96 -14.06
CA GLY A 104 -6.23 -8.75 -13.84
C GLY A 104 -7.02 -7.51 -14.10
N PHE A 105 -6.49 -6.37 -13.68
CA PHE A 105 -7.17 -5.11 -13.88
C PHE A 105 -6.18 -3.99 -13.65
N ARG A 106 -6.56 -2.80 -14.09
CA ARG A 106 -5.71 -1.62 -13.94
C ARG A 106 -6.55 -0.38 -14.20
N PRO A 107 -6.12 0.77 -13.65
CA PRO A 107 -6.80 2.06 -13.81
C PRO A 107 -6.53 2.65 -15.19
N LYS A 108 -7.54 3.31 -15.77
CA LYS A 108 -7.41 3.92 -17.07
C LYS A 108 -7.50 5.43 -16.98
N ARG A 109 -8.60 5.93 -16.44
CA ARG A 109 -8.78 7.37 -16.32
C ARG A 109 -9.66 7.70 -15.11
N LEU A 110 -9.50 8.90 -14.53
CA LEU A 110 -10.33 9.28 -13.39
C LEU A 110 -10.95 10.67 -13.51
N ASN A 111 -11.90 10.92 -12.62
CA ASN A 111 -12.61 12.18 -12.60
C ASN A 111 -12.87 12.68 -11.19
N PHE A 112 -12.48 13.91 -10.92
CA PHE A 112 -12.63 14.50 -9.59
C PHE A 112 -13.63 15.63 -9.59
N LYS A 113 -14.24 15.87 -8.43
CA LYS A 113 -15.24 16.92 -8.33
C LYS A 113 -15.51 17.34 -6.88
N LEU A 114 -15.52 18.65 -6.62
CA LEU A 114 -15.80 19.23 -5.30
C LEU A 114 -17.06 20.07 -5.38
N PHE A 115 -18.03 19.83 -4.51
CA PHE A 115 -19.26 20.59 -4.59
C PHE A 115 -20.07 20.78 -3.34
N ASN A 116 -21.12 21.59 -3.45
CA ASN A 116 -22.01 21.88 -2.35
C ASN A 116 -21.18 22.27 -1.15
N ILE A 117 -20.11 23.02 -1.42
CA ILE A 117 -19.24 23.43 -0.35
C ILE A 117 -19.97 24.50 0.49
N GLN A 118 -19.84 24.37 1.81
CA GLN A 118 -20.46 25.28 2.77
C GLN A 118 -19.41 25.65 3.80
N VAL A 119 -19.30 26.94 4.10
CA VAL A 119 -18.35 27.41 5.09
C VAL A 119 -19.11 27.92 6.30
N LYS A 120 -18.86 27.30 7.46
CA LYS A 120 -19.52 27.69 8.72
C LYS A 120 -18.51 28.44 9.58
N GLU A 121 -19.00 29.30 10.47
CA GLU A 121 -18.13 30.05 11.38
C GLU A 121 -18.62 29.85 12.81
N VAL A 122 -17.82 29.15 13.60
CA VAL A 122 -18.15 28.88 14.99
C VAL A 122 -17.76 30.00 15.95
N THR A 123 -18.72 30.40 16.78
CA THR A 123 -18.53 31.44 17.76
C THR A 123 -18.77 30.76 19.09
N THR A 124 -17.68 30.46 19.78
CA THR A 124 -17.77 29.79 21.08
C THR A 124 -17.73 30.85 22.19
N ASN A 125 -18.43 30.55 23.30
CA ASN A 125 -18.47 31.49 24.42
C ASN A 125 -19.28 30.86 25.52
N ASP A 126 -18.86 31.13 26.75
CA ASP A 126 -19.56 30.61 27.91
C ASP A 126 -19.88 29.14 27.71
N GLY A 127 -18.92 28.40 27.15
CA GLY A 127 -19.16 26.98 26.93
C GLY A 127 -20.18 26.74 25.80
N VAL A 128 -21.05 27.73 25.58
CA VAL A 128 -22.06 27.66 24.52
C VAL A 128 -21.47 28.11 23.19
N THR A 129 -21.30 27.14 22.30
CA THR A 129 -20.73 27.40 20.99
C THR A 129 -21.83 27.45 19.94
N THR A 130 -21.74 28.43 19.03
CA THR A 130 -22.74 28.55 17.98
C THR A 130 -22.11 28.49 16.60
N ILE A 131 -22.77 27.78 15.70
CA ILE A 131 -22.32 27.57 14.33
C ILE A 131 -23.25 28.25 13.34
N ALA A 132 -22.71 29.20 12.60
CA ALA A 132 -23.51 29.94 11.60
C ALA A 132 -22.83 29.93 10.24
N ASN A 133 -23.59 30.17 9.18
CA ASN A 133 -23.00 30.18 7.85
C ASN A 133 -22.30 31.51 7.57
N ASN A 134 -21.18 31.46 6.84
CA ASN A 134 -20.46 32.67 6.45
C ASN A 134 -20.59 32.61 4.94
N LEU A 135 -21.74 33.02 4.43
CA LEU A 135 -22.03 32.94 3.01
C LEU A 135 -21.02 33.54 2.05
N THR A 136 -20.12 34.38 2.55
CA THR A 136 -19.15 35.00 1.66
C THR A 136 -17.73 34.43 1.74
N SER A 137 -17.50 33.48 2.63
CA SER A 137 -16.17 32.88 2.78
C SER A 137 -15.85 32.00 1.59
N THR A 138 -14.55 31.76 1.41
CA THR A 138 -14.07 30.96 0.29
C THR A 138 -13.16 29.82 0.73
N VAL A 139 -13.13 28.77 -0.09
CA VAL A 139 -12.28 27.63 0.16
C VAL A 139 -11.43 27.55 -1.10
N GLN A 140 -10.14 27.23 -0.96
CA GLN A 140 -9.26 27.15 -2.12
C GLN A 140 -8.83 25.74 -2.43
N VAL A 141 -8.73 25.43 -3.71
CA VAL A 141 -8.33 24.10 -4.15
C VAL A 141 -7.37 24.23 -5.29
N PHE A 142 -6.67 23.15 -5.58
CA PHE A 142 -5.75 23.12 -6.71
C PHE A 142 -5.06 21.78 -6.74
N SER A 143 -4.84 21.24 -7.93
CA SER A 143 -4.17 19.95 -8.01
C SER A 143 -2.78 20.21 -8.52
N ASP A 144 -1.80 19.72 -7.76
CA ASP A 144 -0.41 19.87 -8.11
C ASP A 144 -0.12 18.92 -9.26
N SER A 145 -0.65 19.27 -10.42
CA SER A 145 -0.51 18.45 -11.61
C SER A 145 0.87 18.46 -12.26
N GLU A 146 1.80 19.21 -11.69
CA GLU A 146 3.15 19.23 -12.23
C GLU A 146 4.12 18.62 -11.23
N TYR A 147 3.55 17.99 -10.20
CA TYR A 147 4.32 17.34 -9.14
C TYR A 147 5.49 18.20 -8.67
N GLN A 148 5.17 19.41 -8.24
CA GLN A 148 6.17 20.35 -7.77
C GLN A 148 6.25 20.35 -6.26
N LEU A 149 5.33 19.64 -5.62
CA LEU A 149 5.30 19.53 -4.16
C LEU A 149 5.66 18.12 -3.77
N PRO A 150 6.25 17.94 -2.58
CA PRO A 150 6.63 16.63 -2.06
C PRO A 150 5.38 15.73 -2.05
N TYR A 151 5.51 14.50 -2.51
CA TYR A 151 4.37 13.59 -2.59
C TYR A 151 4.16 12.77 -1.32
N VAL A 152 3.03 12.97 -0.64
CA VAL A 152 2.79 12.21 0.57
C VAL A 152 1.74 11.13 0.41
N LEU A 153 1.07 11.10 -0.74
CA LEU A 153 0.10 10.03 -0.96
C LEU A 153 0.98 8.80 -1.15
N GLY A 154 0.42 7.60 -1.02
CA GLY A 154 1.23 6.41 -1.21
C GLY A 154 2.27 6.16 -0.14
N SER A 155 1.87 6.36 1.11
CA SER A 155 2.70 6.12 2.27
C SER A 155 1.73 5.56 3.31
N ALA A 156 0.60 5.07 2.79
CA ALA A 156 -0.46 4.47 3.59
C ALA A 156 -0.89 5.27 4.81
N HIS A 157 -1.21 6.54 4.63
CA HIS A 157 -1.66 7.34 5.77
C HIS A 157 -3.15 7.29 5.90
N GLN A 158 -3.65 7.66 7.07
CA GLN A 158 -5.09 7.67 7.30
C GLN A 158 -5.64 8.89 6.56
N GLY A 159 -6.94 9.10 6.67
CA GLY A 159 -7.54 10.24 6.01
C GLY A 159 -8.10 10.00 4.64
N CYS A 160 -8.11 8.75 4.19
CA CYS A 160 -8.65 8.47 2.87
C CYS A 160 -10.17 8.52 2.92
N LEU A 161 -10.82 8.34 1.78
CA LEU A 161 -12.26 8.34 1.78
C LEU A 161 -12.71 7.09 2.53
N PRO A 162 -13.73 7.23 3.38
CA PRO A 162 -14.23 6.09 4.14
C PRO A 162 -14.79 4.99 3.25
N PRO A 163 -14.65 3.73 3.67
CA PRO A 163 -15.15 2.59 2.89
C PRO A 163 -16.66 2.68 2.78
N PHE A 164 -17.31 2.94 3.90
CA PHE A 164 -18.77 3.06 3.94
C PHE A 164 -19.22 4.42 3.46
N PRO A 165 -19.96 4.47 2.34
CA PRO A 165 -20.46 5.71 1.75
C PRO A 165 -21.16 6.67 2.72
N ALA A 166 -21.85 6.12 3.72
CA ALA A 166 -22.57 6.95 4.66
C ALA A 166 -21.72 7.59 5.74
N ASP A 167 -20.40 7.45 5.67
CA ASP A 167 -19.52 8.05 6.67
C ASP A 167 -19.00 9.42 6.28
N VAL A 168 -18.93 10.31 7.25
CA VAL A 168 -18.42 11.66 7.04
C VAL A 168 -16.99 11.62 7.50
N PHE A 169 -16.07 12.22 6.75
CA PHE A 169 -14.69 12.18 7.17
C PHE A 169 -14.03 13.55 7.27
N MET A 170 -12.88 13.57 7.91
CA MET A 170 -12.13 14.78 8.13
C MET A 170 -10.92 14.75 7.19
N ILE A 171 -10.72 15.83 6.44
CA ILE A 171 -9.58 15.92 5.50
C ILE A 171 -8.27 16.01 6.30
N PRO A 172 -7.28 15.17 5.96
CA PRO A 172 -5.98 15.16 6.64
C PRO A 172 -5.25 16.47 6.42
N GLN A 173 -4.29 16.78 7.29
CA GLN A 173 -3.52 18.00 7.14
C GLN A 173 -2.24 17.68 6.36
N TYR A 174 -1.90 18.56 5.43
CA TYR A 174 -0.73 18.36 4.59
C TYR A 174 0.59 18.85 5.18
N GLY A 175 1.50 17.91 5.42
CA GLY A 175 2.80 18.27 5.96
C GLY A 175 3.82 17.49 5.15
N TYR A 176 5.08 17.91 5.14
CA TYR A 176 6.10 17.18 4.40
C TYR A 176 7.43 17.24 5.10
N LEU A 177 8.38 16.43 4.63
CA LEU A 177 9.72 16.40 5.21
C LEU A 177 10.74 16.85 4.18
N THR A 178 11.99 16.98 4.59
CA THR A 178 13.05 17.40 3.69
C THR A 178 14.37 16.95 4.28
N LEU A 179 15.47 17.19 3.58
CA LEU A 179 16.77 16.77 4.06
C LEU A 179 17.03 17.19 5.50
N ASN A 180 17.57 16.28 6.30
CA ASN A 180 17.85 16.58 7.70
C ASN A 180 19.13 15.90 8.19
N ASN A 181 19.79 16.57 9.13
CA ASN A 181 21.01 16.04 9.75
C ASN A 181 20.71 16.07 11.25
N GLY A 182 20.20 14.97 11.75
CA GLY A 182 19.81 14.90 13.14
C GLY A 182 18.50 15.65 13.16
N SER A 183 18.34 16.58 14.07
CA SER A 183 17.09 17.34 14.11
C SER A 183 17.30 18.71 13.47
N GLN A 184 18.38 18.85 12.71
CA GLN A 184 18.65 20.11 12.04
C GLN A 184 18.45 19.97 10.54
N ALA A 185 18.40 21.11 9.86
CA ALA A 185 18.22 21.12 8.41
C ALA A 185 19.58 21.29 7.73
N VAL A 186 19.58 21.29 6.41
CA VAL A 186 20.81 21.46 5.65
C VAL A 186 20.59 22.51 4.56
N GLY A 187 21.67 22.93 3.91
CA GLY A 187 21.56 23.91 2.86
C GLY A 187 20.59 23.48 1.78
N ARG A 188 20.75 22.26 1.27
CA ARG A 188 19.87 21.76 0.22
C ARG A 188 18.43 21.46 0.63
N SER A 189 18.07 21.73 1.88
CA SER A 189 16.69 21.47 2.29
C SER A 189 15.72 22.40 1.55
N SER A 190 14.51 21.92 1.31
CA SER A 190 13.52 22.72 0.59
C SER A 190 12.28 23.06 1.40
N PHE A 191 11.80 24.28 1.21
CA PHE A 191 10.60 24.75 1.89
C PHE A 191 9.60 25.24 0.84
N TYR A 192 8.45 24.59 0.75
CA TYR A 192 7.43 24.99 -0.21
C TYR A 192 6.26 25.71 0.43
N CYS A 193 5.83 26.81 -0.20
CA CYS A 193 4.70 27.57 0.27
C CYS A 193 3.58 27.31 -0.73
N LEU A 194 2.51 26.68 -0.28
CA LEU A 194 1.42 26.37 -1.18
C LEU A 194 0.65 27.58 -1.72
N GLU A 195 0.74 28.72 -1.04
CA GLU A 195 0.05 29.93 -1.51
C GLU A 195 0.75 30.47 -2.74
N TYR A 196 1.90 29.88 -3.05
CA TYR A 196 2.68 30.31 -4.19
C TYR A 196 2.33 29.47 -5.41
N PHE A 197 1.10 28.95 -5.42
CA PHE A 197 0.57 28.12 -6.50
C PHE A 197 -0.79 28.67 -6.91
N PRO A 198 -1.02 28.84 -8.22
CA PRO A 198 -2.32 29.35 -8.61
C PRO A 198 -3.37 28.35 -8.14
N SER A 199 -4.34 28.81 -7.36
CA SER A 199 -5.40 27.96 -6.85
C SER A 199 -6.76 28.61 -7.07
N GLN A 200 -7.79 27.80 -7.28
CA GLN A 200 -9.13 28.31 -7.52
C GLN A 200 -9.87 28.52 -6.20
N MET A 201 -10.58 29.65 -6.10
CA MET A 201 -11.33 29.96 -4.90
C MET A 201 -12.82 29.71 -5.08
N LEU A 202 -13.47 29.19 -4.05
CA LEU A 202 -14.89 28.86 -4.14
C LEU A 202 -15.76 29.36 -3.00
N ARG A 203 -17.00 29.71 -3.30
CA ARG A 203 -17.97 30.14 -2.32
C ARG A 203 -19.10 29.13 -2.51
N THR A 204 -20.06 29.05 -1.59
CA THR A 204 -21.13 28.05 -1.71
C THR A 204 -21.53 27.61 -3.11
N GLY A 205 -21.86 28.59 -3.95
CA GLY A 205 -22.30 28.29 -5.31
C GLY A 205 -21.30 27.77 -6.32
N ASN A 206 -20.02 27.74 -5.96
CA ASN A 206 -18.99 27.27 -6.86
C ASN A 206 -18.65 25.81 -6.64
N ASN A 207 -17.94 25.25 -7.61
CA ASN A 207 -17.51 23.86 -7.55
C ASN A 207 -16.19 23.76 -8.30
N PHE A 208 -15.51 22.64 -8.11
CA PHE A 208 -14.20 22.39 -8.72
C PHE A 208 -14.23 21.04 -9.41
N THR A 209 -13.66 20.95 -10.61
CA THR A 209 -13.62 19.67 -11.32
C THR A 209 -12.31 19.52 -12.03
N PHE A 210 -11.92 18.26 -12.26
CA PHE A 210 -10.68 17.98 -12.95
C PHE A 210 -10.56 16.49 -13.29
N SER A 211 -9.95 16.19 -14.43
CA SER A 211 -9.79 14.80 -14.85
C SER A 211 -8.36 14.48 -15.23
N TYR A 212 -7.96 13.27 -14.90
CA TYR A 212 -6.61 12.78 -15.13
C TYR A 212 -6.68 11.45 -15.87
N THR A 213 -5.62 11.13 -16.60
CA THR A 213 -5.58 9.86 -17.32
C THR A 213 -4.37 9.07 -16.85
N PHE A 214 -4.62 7.83 -16.46
CA PHE A 214 -3.55 6.97 -15.99
C PHE A 214 -2.60 6.60 -17.11
N GLU A 215 -1.34 6.40 -16.75
CA GLU A 215 -0.33 6.02 -17.70
C GLU A 215 -0.45 4.54 -17.96
N ASP A 216 0.17 4.07 -19.02
CA ASP A 216 0.11 2.66 -19.36
C ASP A 216 0.81 1.86 -18.28
N VAL A 217 0.11 0.91 -17.69
CA VAL A 217 0.71 0.14 -16.63
C VAL A 217 0.26 -1.32 -16.70
N PRO A 218 1.16 -2.26 -16.33
CA PRO A 218 0.80 -3.67 -16.36
C PRO A 218 -0.44 -3.97 -15.55
N PHE A 219 -1.22 -4.97 -16.00
CA PHE A 219 -2.39 -5.36 -15.24
C PHE A 219 -1.88 -5.92 -13.92
N HIS A 220 -2.67 -5.82 -12.85
CA HIS A 220 -2.23 -6.39 -11.58
C HIS A 220 -2.57 -7.87 -11.62
N SER A 221 -1.61 -8.74 -11.30
CA SER A 221 -1.88 -10.17 -11.36
C SER A 221 -2.85 -10.65 -10.28
N SER A 222 -4.13 -10.70 -10.62
CA SER A 222 -5.18 -11.14 -9.69
C SER A 222 -5.47 -12.64 -9.87
N TYR A 223 -4.42 -13.44 -9.77
CA TYR A 223 -4.54 -14.88 -9.93
C TYR A 223 -3.40 -15.54 -9.17
N ALA A 224 -3.50 -16.85 -9.01
CA ALA A 224 -2.46 -17.62 -8.34
C ALA A 224 -2.07 -18.69 -9.33
N HIS A 225 -0.78 -19.05 -9.35
CA HIS A 225 -0.30 -20.06 -10.27
C HIS A 225 -0.72 -21.46 -9.87
N SER A 226 -1.09 -22.27 -10.87
CA SER A 226 -1.52 -23.63 -10.65
C SER A 226 -0.40 -24.62 -10.95
N GLN A 227 0.86 -24.15 -10.82
CA GLN A 227 2.06 -24.96 -11.03
C GLN A 227 3.16 -24.23 -10.28
N SER A 228 4.33 -24.85 -10.14
CA SER A 228 5.44 -24.20 -9.45
C SER A 228 6.67 -24.30 -10.32
N LEU A 229 7.62 -23.39 -10.15
CA LEU A 229 8.82 -23.45 -10.99
C LEU A 229 9.46 -24.82 -11.09
N ASP A 230 9.74 -25.45 -9.96
CA ASP A 230 10.37 -26.77 -9.97
C ASP A 230 9.52 -27.83 -10.69
N ARG A 231 8.22 -27.88 -10.42
CA ARG A 231 7.35 -28.85 -11.06
C ARG A 231 6.71 -28.31 -12.35
N LEU A 232 7.53 -28.10 -13.37
CA LEU A 232 7.05 -27.56 -14.64
C LEU A 232 7.32 -28.46 -15.85
N MET A 233 7.82 -29.67 -15.60
CA MET A 233 8.15 -30.58 -16.69
C MET A 233 7.09 -31.63 -16.93
N ASN A 234 7.37 -32.51 -17.89
CA ASN A 234 6.47 -33.61 -18.25
C ASN A 234 6.77 -34.78 -17.31
N PRO A 235 5.83 -35.13 -16.43
CA PRO A 235 5.99 -36.22 -15.46
C PRO A 235 6.18 -37.58 -16.09
N LEU A 236 5.85 -37.70 -17.37
CA LEU A 236 5.96 -38.99 -18.03
C LEU A 236 7.22 -39.24 -18.84
N ILE A 237 8.03 -38.22 -19.06
CA ILE A 237 9.19 -38.43 -19.92
C ILE A 237 10.55 -37.95 -19.41
N ASP A 238 11.57 -38.70 -19.79
CA ASP A 238 12.97 -38.42 -19.41
C ASP A 238 13.44 -37.18 -20.15
N GLN A 239 14.65 -36.74 -19.82
CA GLN A 239 15.25 -35.58 -20.49
C GLN A 239 16.35 -36.14 -21.38
N TYR A 240 16.96 -35.28 -22.21
CA TYR A 240 18.06 -35.76 -23.04
C TYR A 240 19.35 -35.25 -22.42
N LEU A 241 19.20 -34.60 -21.27
CA LEU A 241 20.32 -34.05 -20.51
C LEU A 241 20.73 -35.01 -19.41
N TYR A 242 21.98 -34.92 -19.00
CA TYR A 242 22.52 -35.76 -17.93
C TYR A 242 23.10 -34.86 -16.87
N TYR A 243 23.22 -35.37 -15.66
CA TYR A 243 23.78 -34.61 -14.56
C TYR A 243 24.71 -35.55 -13.78
N LEU A 244 25.67 -34.99 -13.07
CA LEU A 244 26.60 -35.79 -12.27
C LEU A 244 25.80 -36.34 -11.10
N ASN A 245 25.61 -37.66 -11.06
CA ASN A 245 24.81 -38.27 -10.00
C ASN A 245 25.58 -38.77 -8.78
N ARG A 246 26.78 -39.31 -9.01
CA ARG A 246 27.58 -39.81 -7.91
C ARG A 246 29.06 -39.52 -8.13
N THR A 247 29.77 -39.23 -7.05
CA THR A 247 31.20 -38.94 -7.12
C THR A 247 31.96 -39.99 -6.31
N GLN A 248 31.19 -40.94 -5.79
CA GLN A 248 31.71 -42.05 -5.00
C GLN A 248 30.86 -43.24 -5.40
N ASN A 249 31.51 -44.27 -6.00
CA ASN A 249 30.80 -45.46 -6.45
C ASN A 249 30.07 -46.20 -5.32
N GLN A 250 28.85 -46.61 -5.65
CA GLN A 250 27.95 -47.36 -4.77
C GLN A 250 28.43 -48.82 -4.60
N SER A 251 28.67 -49.18 -3.33
CA SER A 251 29.13 -50.53 -2.98
C SER A 251 30.59 -50.82 -3.40
N GLY A 252 30.81 -52.03 -3.91
CA GLY A 252 32.16 -52.44 -4.27
C GLY A 252 32.81 -52.74 -2.92
N SER A 253 31.95 -52.95 -1.90
CA SER A 253 32.35 -53.25 -0.50
C SER A 253 33.45 -52.26 -0.01
N ALA A 254 33.58 -51.15 -0.75
CA ALA A 254 34.56 -50.09 -0.46
C ALA A 254 33.98 -48.78 -1.04
N GLN A 255 34.36 -47.65 -0.46
CA GLN A 255 33.87 -46.35 -0.94
C GLN A 255 34.96 -45.80 -1.88
N ASN A 256 34.72 -45.88 -3.18
CA ASN A 256 35.73 -45.38 -4.10
C ASN A 256 35.30 -44.22 -4.97
N LYS A 257 36.25 -43.30 -5.22
CA LYS A 257 36.04 -42.12 -6.03
C LYS A 257 35.49 -42.54 -7.39
N ASP A 258 34.63 -41.71 -7.96
CA ASP A 258 34.05 -42.02 -9.25
C ASP A 258 33.44 -40.79 -9.92
N LEU A 259 32.74 -41.06 -11.01
CA LEU A 259 32.05 -40.04 -11.78
C LEU A 259 30.99 -40.78 -12.56
N LEU A 260 29.82 -40.90 -11.97
CA LEU A 260 28.68 -41.59 -12.58
C LEU A 260 27.60 -40.57 -12.86
N PHE A 261 27.10 -40.58 -14.10
CA PHE A 261 26.05 -39.64 -14.52
C PHE A 261 24.71 -40.33 -14.78
N SER A 262 23.62 -39.63 -14.50
CA SER A 262 22.28 -40.14 -14.73
C SER A 262 21.59 -39.11 -15.60
N ARG A 263 20.44 -39.44 -16.15
CA ARG A 263 19.76 -38.46 -16.97
C ARG A 263 18.40 -38.11 -16.40
N GLY A 264 18.06 -36.82 -16.52
CA GLY A 264 16.78 -36.32 -16.02
C GLY A 264 15.67 -37.34 -16.10
N SER A 265 15.20 -37.74 -14.94
CA SER A 265 14.13 -38.71 -14.84
C SER A 265 13.02 -38.10 -14.01
N PRO A 266 11.77 -38.56 -14.20
CA PRO A 266 10.62 -38.05 -13.45
C PRO A 266 10.77 -38.48 -12.00
N ALA A 267 11.49 -39.59 -11.82
CA ALA A 267 11.76 -40.16 -10.51
C ALA A 267 12.68 -39.24 -9.64
N GLY A 268 13.16 -38.15 -10.22
CA GLY A 268 14.06 -37.27 -9.51
C GLY A 268 14.00 -35.85 -10.02
N MET A 269 12.80 -35.26 -9.95
CA MET A 269 12.59 -33.93 -10.51
C MET A 269 13.47 -32.90 -9.84
N SER A 270 13.69 -33.05 -8.54
CA SER A 270 14.53 -32.13 -7.79
C SER A 270 15.96 -31.99 -8.30
N VAL A 271 16.32 -32.79 -9.29
CA VAL A 271 17.68 -32.73 -9.79
C VAL A 271 17.80 -32.49 -11.30
N GLN A 272 16.66 -32.35 -11.97
CA GLN A 272 16.61 -32.11 -13.42
C GLN A 272 17.04 -30.72 -13.82
N PRO A 273 17.81 -30.60 -14.91
CA PRO A 273 18.22 -29.25 -15.33
C PRO A 273 16.94 -28.47 -15.67
N LYS A 274 16.87 -27.21 -15.23
CA LYS A 274 15.70 -26.37 -15.48
C LYS A 274 16.06 -25.10 -16.23
N ASN A 275 15.07 -24.27 -16.55
CA ASN A 275 15.31 -23.03 -17.29
C ASN A 275 15.25 -21.74 -16.50
N TRP A 276 14.55 -21.75 -15.37
CA TRP A 276 14.41 -20.53 -14.58
C TRP A 276 14.79 -20.66 -13.10
N LEU A 277 14.83 -19.52 -12.42
CA LEU A 277 15.18 -19.46 -11.00
C LEU A 277 14.05 -18.79 -10.21
N PRO A 278 13.92 -19.11 -8.91
CA PRO A 278 12.87 -18.51 -8.08
C PRO A 278 13.13 -17.01 -8.02
N GLY A 279 12.23 -16.27 -7.38
CA GLY A 279 12.41 -14.84 -7.28
C GLY A 279 13.52 -14.39 -6.36
N PRO A 280 13.86 -13.09 -6.38
CA PRO A 280 14.93 -12.57 -5.53
C PRO A 280 14.47 -12.71 -4.08
N CYS A 281 15.38 -12.48 -3.14
CA CYS A 281 15.00 -12.63 -1.74
C CYS A 281 15.94 -11.95 -0.74
N TYR A 282 15.35 -11.41 0.32
CA TYR A 282 16.07 -10.75 1.42
C TYR A 282 15.42 -11.33 2.68
N ARG A 283 15.98 -12.42 3.18
CA ARG A 283 15.46 -13.13 4.33
C ARG A 283 15.02 -12.29 5.51
N GLN A 284 13.93 -12.71 6.14
CA GLN A 284 13.38 -12.02 7.30
C GLN A 284 13.12 -12.96 8.48
N GLN A 285 13.23 -12.43 9.70
CA GLN A 285 13.02 -13.27 10.88
C GLN A 285 11.61 -13.80 10.92
N ARG A 286 11.42 -14.95 11.56
CA ARG A 286 10.10 -15.54 11.63
C ARG A 286 9.53 -15.54 13.05
N VAL A 287 8.28 -15.11 13.19
CA VAL A 287 7.62 -15.11 14.49
C VAL A 287 6.33 -15.94 14.41
N SER A 288 5.95 -16.51 15.55
CA SER A 288 4.78 -17.36 15.65
C SER A 288 3.58 -16.67 16.31
N LYS A 289 2.38 -16.99 15.86
CA LYS A 289 1.17 -16.39 16.42
C LYS A 289 0.85 -16.93 17.81
N THR A 290 1.54 -17.98 18.23
CA THR A 290 1.34 -18.53 19.58
C THR A 290 2.64 -18.25 20.35
N LYS A 291 2.59 -17.21 21.19
CA LYS A 291 3.75 -16.75 21.94
C LYS A 291 4.72 -17.78 22.51
N THR A 292 4.21 -18.95 22.89
CA THR A 292 5.06 -20.00 23.45
C THR A 292 6.24 -20.39 22.55
N ASP A 293 5.99 -20.46 21.24
CA ASP A 293 7.02 -20.83 20.26
C ASP A 293 8.13 -19.81 20.14
N ASN A 294 7.77 -18.55 20.36
CA ASN A 294 8.73 -17.46 20.25
C ASN A 294 9.75 -17.44 21.38
N ASN A 295 10.92 -16.92 21.03
CA ASN A 295 12.03 -16.77 21.94
C ASN A 295 11.62 -15.68 22.94
N ASN A 296 12.02 -15.84 24.20
CA ASN A 296 11.67 -14.86 25.21
C ASN A 296 12.65 -13.67 25.25
N SER A 297 12.36 -12.68 24.42
CA SER A 297 13.15 -11.45 24.35
C SER A 297 12.37 -10.50 23.43
N ASN A 298 12.86 -9.27 23.27
CA ASN A 298 12.18 -8.33 22.40
C ASN A 298 13.05 -8.07 21.16
N PHE A 299 13.04 -9.02 20.23
CA PHE A 299 13.86 -8.91 19.02
C PHE A 299 13.27 -8.03 17.91
N THR A 300 12.11 -7.44 18.17
CA THR A 300 11.43 -6.58 17.23
C THR A 300 12.40 -5.71 16.42
N TRP A 301 13.31 -5.01 17.09
CA TRP A 301 14.27 -4.19 16.38
C TRP A 301 15.62 -4.90 16.33
N THR A 302 15.97 -5.56 17.43
CA THR A 302 17.21 -6.31 17.53
C THR A 302 17.49 -7.18 16.31
N GLY A 303 16.74 -8.28 16.18
CA GLY A 303 16.95 -9.18 15.06
C GLY A 303 16.11 -8.84 13.85
N ALA A 304 15.89 -7.56 13.63
CA ALA A 304 15.09 -7.12 12.49
C ALA A 304 15.94 -6.85 11.26
N SER A 305 15.38 -7.15 10.09
CA SER A 305 16.07 -6.92 8.82
C SER A 305 15.95 -5.42 8.53
N LYS A 306 17.04 -4.68 8.72
CA LYS A 306 17.05 -3.24 8.51
C LYS A 306 17.97 -2.78 7.38
N TYR A 307 17.67 -1.66 6.76
CA TYR A 307 18.56 -1.14 5.74
C TYR A 307 19.23 0.09 6.34
N ASN A 308 20.44 0.38 5.92
CA ASN A 308 21.21 1.49 6.45
C ASN A 308 21.37 2.66 5.48
N LEU A 309 20.52 3.66 5.58
CA LEU A 309 20.62 4.80 4.67
C LEU A 309 21.14 6.06 5.37
N ASN A 310 22.42 6.36 5.14
CA ASN A 310 23.09 7.51 5.73
C ASN A 310 22.92 7.56 7.23
N GLY A 311 23.69 6.72 7.93
CA GLY A 311 23.63 6.70 9.39
C GLY A 311 22.36 6.20 10.05
N ARG A 312 21.22 6.33 9.39
CA ARG A 312 19.95 5.88 9.97
C ARG A 312 19.55 4.48 9.51
N GLU A 313 19.01 3.70 10.43
CA GLU A 313 18.54 2.37 10.10
C GLU A 313 17.03 2.48 9.92
N SER A 314 16.48 1.58 9.12
CA SER A 314 15.06 1.60 8.85
C SER A 314 14.65 0.15 8.59
N ILE A 315 13.57 -0.29 9.23
CA ILE A 315 13.12 -1.67 9.01
C ILE A 315 12.66 -1.87 7.58
N ILE A 316 13.06 -2.98 6.95
CA ILE A 316 12.58 -3.27 5.59
C ILE A 316 11.20 -3.83 5.89
N ASN A 317 10.15 -3.14 5.47
CA ASN A 317 8.80 -3.56 5.75
C ASN A 317 7.89 -3.00 4.68
N PRO A 318 7.19 -3.86 3.93
CA PRO A 318 7.18 -5.32 4.02
C PRO A 318 8.33 -5.92 3.21
N GLY A 319 9.01 -5.04 2.48
CA GLY A 319 10.13 -5.49 1.68
C GLY A 319 9.78 -6.44 0.56
N THR A 320 10.78 -7.12 0.04
CA THR A 320 10.63 -8.06 -1.06
C THR A 320 9.44 -8.98 -0.94
N ALA A 321 8.75 -9.17 -2.06
CA ALA A 321 7.59 -10.04 -2.09
C ALA A 321 8.04 -11.48 -1.92
N MET A 322 7.65 -12.09 -0.80
CA MET A 322 8.00 -13.47 -0.51
C MET A 322 6.84 -14.21 0.16
N ALA A 323 6.77 -15.51 -0.07
CA ALA A 323 5.73 -16.32 0.53
C ALA A 323 5.78 -16.17 2.05
N SER A 324 4.64 -15.81 2.64
CA SER A 324 4.58 -15.59 4.08
C SER A 324 4.89 -16.80 4.95
N HIS A 325 4.86 -17.98 4.37
CA HIS A 325 5.16 -19.20 5.11
C HIS A 325 5.04 -20.38 4.15
N LYS A 326 5.75 -21.46 4.44
CA LYS A 326 5.69 -22.64 3.59
C LYS A 326 4.38 -23.37 3.88
N ASP A 327 4.01 -24.27 2.99
CA ASP A 327 2.79 -25.06 3.11
C ASP A 327 2.56 -25.63 4.51
N ASP A 328 1.29 -25.66 4.93
CA ASP A 328 0.91 -26.21 6.25
C ASP A 328 1.48 -25.43 7.44
N LYS A 329 1.47 -24.09 7.38
CA LYS A 329 2.03 -23.33 8.49
C LYS A 329 1.54 -21.90 8.53
N ASP A 330 0.25 -21.69 8.23
CA ASP A 330 -0.29 -20.32 8.24
C ASP A 330 -0.30 -19.82 9.68
N LYS A 331 0.55 -20.48 10.48
CA LYS A 331 0.77 -20.23 11.90
C LYS A 331 1.86 -19.19 12.14
N PHE A 332 2.88 -19.18 11.27
CA PHE A 332 3.97 -18.22 11.39
C PHE A 332 3.78 -17.06 10.41
N PHE A 333 4.71 -16.12 10.46
CA PHE A 333 4.70 -14.97 9.57
C PHE A 333 6.03 -14.20 9.61
N PRO A 334 6.36 -13.49 8.52
CA PRO A 334 7.62 -12.72 8.47
C PRO A 334 7.49 -11.62 9.52
N MET A 335 8.54 -11.36 10.29
CA MET A 335 8.43 -10.35 11.33
C MET A 335 8.00 -8.98 10.84
N SER A 336 8.24 -8.70 9.57
CA SER A 336 7.85 -7.43 9.00
C SER A 336 7.73 -7.57 7.49
N GLY A 337 7.28 -8.75 7.07
CA GLY A 337 7.17 -9.03 5.66
C GLY A 337 5.76 -9.23 5.18
N VAL A 338 4.78 -8.81 5.99
CA VAL A 338 3.39 -8.93 5.59
C VAL A 338 2.62 -7.70 6.02
N MET A 339 1.61 -7.34 5.24
CA MET A 339 0.78 -6.18 5.53
C MET A 339 -0.10 -6.51 6.73
N ILE A 340 -0.27 -5.54 7.63
CA ILE A 340 -1.11 -5.77 8.80
C ILE A 340 -2.06 -4.58 8.98
N PHE A 341 -3.36 -4.84 8.88
CA PHE A 341 -4.37 -3.80 9.07
C PHE A 341 -4.95 -3.98 10.44
N GLY A 342 -5.41 -2.91 11.05
CA GLY A 342 -5.98 -3.05 12.37
C GLY A 342 -7.50 -3.14 12.33
N LYS A 343 -8.08 -3.94 13.20
CA LYS A 343 -9.53 -4.04 13.26
C LYS A 343 -9.93 -2.70 13.86
N GLU A 344 -11.21 -2.34 13.80
CA GLU A 344 -11.63 -1.05 14.35
C GLU A 344 -11.36 -0.95 15.85
N SER A 345 -11.18 -2.09 16.49
CA SER A 345 -10.91 -2.13 17.93
C SER A 345 -9.45 -1.81 18.31
N ALA A 346 -8.51 -2.16 17.44
CA ALA A 346 -7.08 -1.93 17.68
C ALA A 346 -6.74 -0.52 18.15
N GLY A 347 -5.80 -0.43 19.07
CA GLY A 347 -5.40 0.86 19.59
C GLY A 347 -4.20 1.41 18.85
N ALA A 348 -3.69 2.53 19.34
CA ALA A 348 -2.54 3.19 18.74
C ALA A 348 -1.29 2.32 18.74
N SER A 349 -0.86 1.95 19.94
CA SER A 349 0.33 1.11 20.06
C SER A 349 0.24 0.00 21.10
N ASN A 350 0.99 -1.06 20.82
CA ASN A 350 1.07 -2.25 21.66
C ASN A 350 -0.30 -2.86 21.92
N THR A 351 -1.03 -3.07 20.83
CA THR A 351 -2.35 -3.66 20.92
C THR A 351 -2.24 -5.17 20.72
N ALA A 352 -3.18 -5.90 21.30
CA ALA A 352 -3.21 -7.36 21.23
C ALA A 352 -3.35 -7.90 19.83
N LEU A 353 -2.84 -9.13 19.63
CA LEU A 353 -2.90 -9.76 18.33
C LEU A 353 -4.27 -9.72 17.67
N ASP A 354 -5.30 -10.19 18.38
CA ASP A 354 -6.64 -10.22 17.79
C ASP A 354 -7.29 -8.86 17.55
N ASN A 355 -6.46 -7.83 17.46
CA ASN A 355 -6.99 -6.50 17.18
C ASN A 355 -6.45 -6.04 15.84
N VAL A 356 -5.65 -6.90 15.23
CA VAL A 356 -5.07 -6.63 13.93
C VAL A 356 -5.40 -7.80 13.01
N MET A 357 -5.15 -7.61 11.72
CA MET A 357 -5.39 -8.63 10.71
C MET A 357 -4.11 -8.72 9.89
N ILE A 358 -3.46 -9.87 9.93
CA ILE A 358 -2.21 -10.05 9.19
C ILE A 358 -2.44 -10.73 7.85
N THR A 359 -2.06 -10.06 6.77
CA THR A 359 -2.24 -10.64 5.44
C THR A 359 -1.37 -11.88 5.24
N ASP A 360 -1.82 -12.76 4.34
CA ASP A 360 -1.09 -13.98 4.03
C ASP A 360 -0.77 -13.87 2.54
N GLU A 361 0.49 -14.03 2.23
CA GLU A 361 0.96 -13.91 0.86
C GLU A 361 1.47 -15.28 0.40
N GLU A 362 0.89 -16.35 0.91
CA GLU A 362 1.37 -17.67 0.50
C GLU A 362 0.95 -18.07 -0.92
N GLU A 363 0.06 -17.29 -1.53
CA GLU A 363 -0.39 -17.61 -2.89
C GLU A 363 0.76 -17.63 -3.90
N ILE A 364 1.88 -16.97 -3.56
CA ILE A 364 3.05 -16.90 -4.45
C ILE A 364 4.17 -17.87 -4.12
N LYS A 365 3.94 -18.81 -3.20
CA LYS A 365 4.99 -19.76 -2.83
C LYS A 365 5.40 -20.64 -4.00
N ALA A 366 4.71 -20.49 -5.12
CA ALA A 366 4.95 -21.28 -6.33
C ALA A 366 6.10 -20.74 -7.16
N THR A 367 6.40 -19.46 -6.96
CA THR A 367 7.43 -18.84 -7.75
C THR A 367 8.40 -17.98 -6.94
N ASN A 368 7.92 -17.47 -5.81
CA ASN A 368 8.73 -16.65 -4.94
C ASN A 368 9.27 -17.42 -3.74
N PRO A 369 10.47 -17.07 -3.24
CA PRO A 369 11.04 -17.77 -2.08
C PRO A 369 10.23 -17.47 -0.83
N VAL A 370 10.25 -18.40 0.13
CA VAL A 370 9.54 -18.15 1.38
C VAL A 370 10.39 -17.13 2.13
N ALA A 371 9.72 -16.15 2.72
CA ALA A 371 10.38 -15.06 3.43
C ALA A 371 11.24 -15.35 4.66
N THR A 372 10.93 -16.43 5.39
CA THR A 372 11.69 -16.72 6.59
C THR A 372 12.79 -17.75 6.42
N GLU A 373 12.91 -18.30 5.22
CA GLU A 373 13.93 -19.31 4.98
C GLU A 373 15.05 -18.83 4.08
N ARG A 374 16.09 -19.65 3.95
CA ARG A 374 17.20 -19.31 3.10
C ARG A 374 16.74 -19.43 1.65
N PHE A 375 17.31 -18.63 0.77
CA PHE A 375 16.95 -18.70 -0.64
C PHE A 375 17.54 -19.98 -1.21
N GLY A 376 18.70 -20.34 -0.72
CA GLY A 376 19.34 -21.55 -1.21
C GLY A 376 20.66 -21.89 -0.53
N THR A 377 21.51 -22.59 -1.28
CA THR A 377 22.80 -23.05 -0.82
C THR A 377 23.84 -22.73 -1.90
N VAL A 378 25.05 -22.36 -1.49
CA VAL A 378 26.10 -22.03 -2.44
C VAL A 378 27.41 -22.70 -2.07
N ALA A 379 28.17 -23.08 -3.09
CA ALA A 379 29.47 -23.69 -2.86
C ALA A 379 30.36 -22.57 -2.37
N VAL A 380 31.19 -22.85 -1.38
CA VAL A 380 32.05 -21.84 -0.80
C VAL A 380 33.54 -22.11 -0.97
N ASN A 381 33.91 -23.28 -1.48
CA ASN A 381 35.33 -23.61 -1.63
C ASN A 381 35.62 -24.51 -2.82
N LEU A 382 36.89 -24.87 -2.96
CA LEU A 382 37.31 -25.75 -4.05
C LEU A 382 37.67 -27.13 -3.49
N GLN A 383 36.70 -28.06 -3.53
CA GLN A 383 36.92 -29.40 -3.01
C GLN A 383 38.03 -30.14 -3.75
N SER A 384 38.61 -31.11 -3.06
CA SER A 384 39.68 -31.92 -3.61
C SER A 384 39.84 -33.08 -2.65
N SER A 385 40.66 -34.06 -3.03
CA SER A 385 40.86 -35.20 -2.16
C SER A 385 41.29 -34.76 -0.76
N SER A 386 42.10 -33.70 -0.68
CA SER A 386 42.57 -33.22 0.61
C SER A 386 41.64 -32.25 1.35
N THR A 387 40.85 -31.47 0.63
CA THR A 387 39.95 -30.55 1.31
C THR A 387 38.49 -30.88 0.93
N ASP A 388 37.61 -30.97 1.94
CA ASP A 388 36.21 -31.31 1.71
C ASP A 388 35.29 -30.23 1.14
N PRO A 389 34.36 -30.64 0.26
CA PRO A 389 33.41 -29.70 -0.36
C PRO A 389 32.47 -29.06 0.66
N ALA A 390 32.62 -27.76 0.87
CA ALA A 390 31.77 -27.05 1.83
C ALA A 390 30.80 -26.09 1.13
N THR A 391 29.73 -25.74 1.83
CA THR A 391 28.74 -24.83 1.27
C THR A 391 28.26 -23.86 2.34
N GLY A 392 27.40 -22.93 1.94
CA GLY A 392 26.87 -21.97 2.88
C GLY A 392 25.43 -21.63 2.55
N ASP A 393 24.72 -21.03 3.49
CA ASP A 393 23.34 -20.69 3.20
C ASP A 393 23.27 -19.25 2.75
N VAL A 394 22.62 -19.03 1.61
CA VAL A 394 22.47 -17.67 1.09
C VAL A 394 21.17 -17.08 1.65
N HIS A 395 21.31 -15.98 2.39
CA HIS A 395 20.16 -15.33 3.02
C HIS A 395 19.66 -14.11 2.24
N VAL A 396 20.50 -13.57 1.38
CA VAL A 396 20.14 -12.42 0.57
C VAL A 396 20.50 -12.75 -0.87
N MET A 397 19.56 -12.54 -1.78
CA MET A 397 19.79 -12.85 -3.18
C MET A 397 19.28 -11.77 -4.12
N GLY A 398 20.19 -11.11 -4.84
CA GLY A 398 19.81 -10.07 -5.77
C GLY A 398 19.27 -10.64 -7.08
N ALA A 399 18.90 -9.78 -8.01
CA ALA A 399 18.36 -10.25 -9.28
C ALA A 399 19.40 -11.01 -10.08
N LEU A 400 19.03 -12.21 -10.54
CA LEU A 400 19.91 -13.03 -11.35
C LEU A 400 19.19 -13.31 -12.66
N PRO A 401 19.91 -13.29 -13.78
CA PRO A 401 19.24 -13.55 -15.06
C PRO A 401 18.55 -14.90 -15.00
N GLY A 402 17.31 -14.95 -15.47
CA GLY A 402 16.56 -16.19 -15.45
C GLY A 402 15.58 -16.21 -14.31
N MET A 403 15.60 -15.16 -13.51
CA MET A 403 14.68 -15.08 -12.39
C MET A 403 13.31 -14.61 -12.86
N VAL A 404 12.28 -15.11 -12.18
CA VAL A 404 10.88 -14.77 -12.46
C VAL A 404 10.22 -14.66 -11.09
N TRP A 405 9.22 -13.81 -10.93
CA TRP A 405 8.58 -13.69 -9.63
C TRP A 405 7.23 -13.01 -9.70
N GLN A 406 6.50 -13.08 -8.60
CA GLN A 406 5.19 -12.47 -8.52
C GLN A 406 5.30 -11.30 -7.55
N ASP A 407 4.51 -10.25 -7.76
CA ASP A 407 4.56 -9.09 -6.88
C ASP A 407 3.53 -9.22 -5.76
N ARG A 408 3.76 -8.48 -4.68
CA ARG A 408 2.87 -8.49 -3.53
C ARG A 408 1.44 -8.17 -3.95
N ASP A 409 0.51 -8.99 -3.53
CA ASP A 409 -0.90 -8.80 -3.89
C ASP A 409 -1.48 -7.53 -3.26
N VAL A 410 -2.62 -7.05 -3.77
CA VAL A 410 -3.26 -5.85 -3.22
C VAL A 410 -4.50 -6.26 -2.42
N TYR A 411 -4.97 -5.40 -1.55
CA TYR A 411 -6.13 -5.76 -0.74
C TYR A 411 -7.27 -4.75 -0.81
N LEU A 412 -8.48 -5.22 -0.57
CA LEU A 412 -9.64 -4.36 -0.61
C LEU A 412 -9.44 -3.10 0.20
N GLN A 413 -8.57 -3.19 1.22
CA GLN A 413 -8.29 -2.03 2.05
C GLN A 413 -6.83 -1.59 1.95
N GLY A 414 -6.17 -1.97 0.86
CA GLY A 414 -4.78 -1.59 0.68
C GLY A 414 -4.57 -0.41 -0.25
N PRO A 415 -3.32 -0.05 -0.55
CA PRO A 415 -3.00 1.06 -1.43
C PRO A 415 -3.33 0.69 -2.87
N ILE A 416 -3.46 1.70 -3.74
CA ILE A 416 -3.74 1.45 -5.16
C ILE A 416 -2.45 1.73 -5.92
N TRP A 417 -1.91 2.93 -5.74
CA TRP A 417 -0.70 3.33 -6.42
C TRP A 417 0.28 4.04 -5.52
N ALA A 418 1.44 4.35 -6.09
CA ALA A 418 2.49 5.05 -5.39
C ALA A 418 3.26 5.75 -6.49
N LYS A 419 3.90 6.87 -6.18
CA LYS A 419 4.67 7.58 -7.20
C LYS A 419 6.10 7.02 -7.26
N ILE A 420 6.54 6.62 -8.45
CA ILE A 420 7.89 6.10 -8.63
C ILE A 420 8.81 7.28 -8.33
N PRO A 421 9.73 7.12 -7.38
CA PRO A 421 10.63 8.24 -7.07
C PRO A 421 11.34 8.70 -8.34
N HIS A 422 11.65 9.98 -8.43
CA HIS A 422 12.32 10.51 -9.60
C HIS A 422 13.84 10.32 -9.46
N THR A 423 14.30 9.10 -9.70
CA THR A 423 15.71 8.76 -9.57
C THR A 423 16.31 8.25 -10.87
N ASP A 424 17.63 8.41 -11.03
CA ASP A 424 18.31 7.97 -12.22
C ASP A 424 17.94 6.58 -12.70
N GLY A 425 17.84 5.65 -11.77
CA GLY A 425 17.48 4.30 -12.15
C GLY A 425 16.57 3.69 -11.11
N HIS A 426 15.95 2.58 -11.44
CA HIS A 426 15.05 1.93 -10.51
C HIS A 426 14.66 0.59 -11.08
N PHE A 427 14.51 -0.41 -10.21
CA PHE A 427 14.32 -1.77 -10.65
C PHE A 427 12.89 -2.25 -10.44
N HIS A 428 12.23 -2.69 -11.50
CA HIS A 428 10.87 -3.21 -11.34
C HIS A 428 10.17 -2.40 -10.27
N PRO A 429 9.97 -1.10 -10.51
CA PRO A 429 9.32 -0.21 -9.55
C PRO A 429 7.85 -0.48 -9.20
N SER A 430 7.56 -1.61 -8.59
CA SER A 430 6.20 -1.90 -8.18
C SER A 430 6.24 -1.57 -6.69
N PRO A 431 5.37 -0.67 -6.22
CA PRO A 431 5.32 -0.27 -4.80
C PRO A 431 5.46 -1.49 -3.92
N LEU A 432 6.55 -1.56 -3.17
CA LEU A 432 6.80 -2.71 -2.32
C LEU A 432 5.68 -3.18 -1.41
N MET A 433 4.77 -2.28 -1.03
CA MET A 433 3.66 -2.70 -0.18
C MET A 433 2.36 -2.86 -0.95
N GLY A 434 2.49 -3.21 -2.23
CA GLY A 434 1.34 -3.43 -3.07
C GLY A 434 0.94 -2.22 -3.89
N GLY A 435 0.49 -2.46 -5.11
CA GLY A 435 0.05 -1.38 -5.95
C GLY A 435 0.67 -1.24 -7.33
N PHE A 436 0.35 -0.11 -7.96
CA PHE A 436 0.85 0.24 -9.28
C PHE A 436 1.89 1.37 -9.18
N GLY A 437 3.02 1.19 -9.84
CA GLY A 437 4.04 2.21 -9.81
C GLY A 437 3.81 3.18 -10.94
N LEU A 438 3.51 4.43 -10.61
CA LEU A 438 3.25 5.41 -11.65
C LEU A 438 4.26 6.53 -11.68
N LYS A 439 4.78 6.82 -12.88
CA LYS A 439 5.74 7.87 -13.08
C LYS A 439 5.04 9.20 -12.85
N HIS A 440 3.77 9.26 -13.27
CA HIS A 440 2.91 10.44 -13.14
C HIS A 440 1.57 10.00 -12.59
N PRO A 441 1.47 9.83 -11.28
CA PRO A 441 0.24 9.40 -10.61
C PRO A 441 -0.81 10.48 -10.51
N PRO A 442 -1.99 10.14 -9.99
CA PRO A 442 -3.04 11.16 -9.85
C PRO A 442 -2.39 12.22 -8.99
N PRO A 443 -2.58 13.51 -9.31
CA PRO A 443 -1.96 14.57 -8.52
C PRO A 443 -2.56 14.77 -7.13
N GLN A 444 -1.82 15.42 -6.24
CA GLN A 444 -2.32 15.68 -4.91
C GLN A 444 -3.31 16.82 -5.00
N ILE A 445 -4.50 16.62 -4.42
CA ILE A 445 -5.51 17.67 -4.43
C ILE A 445 -5.42 18.40 -3.09
N LEU A 446 -5.07 19.69 -3.15
CA LEU A 446 -4.93 20.49 -1.93
C LEU A 446 -6.08 21.49 -1.73
N ILE A 447 -6.58 21.51 -0.49
CA ILE A 447 -7.70 22.37 -0.13
C ILE A 447 -7.41 23.06 1.19
N LYS A 448 -7.89 24.28 1.34
CA LYS A 448 -7.66 25.07 2.54
C LYS A 448 -8.73 26.14 2.67
N ASN A 449 -9.08 26.50 3.90
CA ASN A 449 -10.08 27.54 4.12
C ASN A 449 -9.32 28.85 4.12
N THR A 450 -9.75 29.81 3.31
CA THR A 450 -9.04 31.07 3.31
C THR A 450 -9.34 31.80 4.61
N PRO A 451 -8.32 32.41 5.22
CA PRO A 451 -8.41 33.16 6.48
C PRO A 451 -9.40 34.31 6.39
N VAL A 452 -9.98 34.66 7.53
CA VAL A 452 -10.92 35.78 7.58
C VAL A 452 -10.54 36.60 8.79
N PRO A 453 -9.84 37.71 8.56
CA PRO A 453 -9.41 38.57 9.66
C PRO A 453 -10.56 38.97 10.58
N ALA A 454 -10.33 38.86 11.87
CA ALA A 454 -11.33 39.28 12.83
C ALA A 454 -11.24 40.81 12.76
N ASN A 455 -12.04 41.53 13.54
CA ASN A 455 -11.97 43.00 13.49
C ASN A 455 -10.56 43.50 13.84
N PRO A 456 -9.96 44.29 12.93
CA PRO A 456 -8.62 44.83 13.13
C PRO A 456 -8.62 46.09 13.98
N PRO A 457 -7.44 46.47 14.51
CA PRO A 457 -7.33 47.66 15.34
C PRO A 457 -7.80 48.85 14.53
N ALA A 458 -8.18 49.92 15.20
CA ALA A 458 -8.66 51.11 14.50
C ALA A 458 -7.51 52.01 14.11
N GLU A 459 -6.29 51.51 14.28
CA GLU A 459 -5.12 52.30 13.97
C GLU A 459 -4.04 51.37 13.41
N PHE A 460 -3.63 51.65 12.17
CA PHE A 460 -2.65 50.81 11.49
C PHE A 460 -1.49 50.26 12.29
N SER A 461 -1.31 48.96 12.20
CA SER A 461 -0.20 48.30 12.86
C SER A 461 0.38 47.35 11.83
N ALA A 462 1.68 47.45 11.66
CA ALA A 462 2.37 46.63 10.68
C ALA A 462 2.64 45.20 11.15
N THR A 463 2.61 44.96 12.47
CA THR A 463 2.90 43.62 12.97
C THR A 463 1.96 42.61 12.31
N LYS A 464 2.42 41.36 12.27
CA LYS A 464 1.67 40.25 11.65
C LYS A 464 0.26 40.10 12.19
N PHE A 465 -0.69 39.88 11.28
CA PHE A 465 -2.09 39.71 11.67
C PHE A 465 -2.26 38.32 12.30
N ALA A 466 -2.89 38.24 13.47
CA ALA A 466 -3.08 36.95 14.10
C ALA A 466 -4.44 36.74 14.76
N SER A 467 -5.42 37.54 14.36
CA SER A 467 -6.76 37.42 14.89
C SER A 467 -7.71 37.02 13.75
N PHE A 468 -8.26 35.81 13.81
CA PHE A 468 -9.15 35.35 12.74
C PHE A 468 -10.49 34.74 13.16
N ILE A 469 -11.50 34.95 12.31
CA ILE A 469 -12.82 34.38 12.52
C ILE A 469 -12.59 32.87 12.48
N THR A 470 -13.09 32.17 13.49
CA THR A 470 -12.92 30.73 13.54
C THR A 470 -13.93 30.05 12.62
N GLN A 471 -13.46 29.29 11.65
CA GLN A 471 -14.38 28.61 10.76
C GLN A 471 -13.89 27.33 10.13
N TYR A 472 -14.84 26.52 9.65
CA TYR A 472 -14.54 25.26 9.01
C TYR A 472 -15.44 25.15 7.80
N SER A 473 -15.17 24.17 6.94
CA SER A 473 -15.97 24.00 5.74
C SER A 473 -16.43 22.56 5.59
N THR A 474 -17.38 22.35 4.69
CA THR A 474 -17.91 21.01 4.48
C THR A 474 -18.56 20.90 3.11
N GLY A 475 -18.50 19.72 2.52
CA GLY A 475 -19.10 19.51 1.22
C GLY A 475 -18.88 18.08 0.75
N GLN A 476 -19.36 17.75 -0.43
CA GLN A 476 -19.17 16.40 -0.93
C GLN A 476 -18.03 16.40 -1.93
N VAL A 477 -17.46 15.23 -2.16
CA VAL A 477 -16.37 15.06 -3.10
C VAL A 477 -16.70 13.79 -3.87
N SER A 478 -16.56 13.83 -5.18
CA SER A 478 -16.85 12.66 -6.01
C SER A 478 -15.61 12.25 -6.76
N VAL A 479 -15.35 10.94 -6.80
CA VAL A 479 -14.20 10.42 -7.53
C VAL A 479 -14.65 9.27 -8.41
N GLU A 480 -14.44 9.41 -9.70
CA GLU A 480 -14.83 8.37 -10.65
C GLU A 480 -13.59 7.81 -11.30
N ILE A 481 -13.50 6.48 -11.35
CA ILE A 481 -12.35 5.83 -11.96
C ILE A 481 -12.79 4.73 -12.94
N GLU A 482 -12.20 4.72 -14.12
CA GLU A 482 -12.57 3.73 -15.09
C GLU A 482 -11.50 2.68 -15.04
N TRP A 483 -11.89 1.46 -14.73
CA TRP A 483 -10.92 0.38 -14.64
C TRP A 483 -11.04 -0.56 -15.82
N GLU A 484 -9.90 -1.09 -16.26
CA GLU A 484 -9.90 -2.01 -17.37
C GLU A 484 -9.71 -3.43 -16.85
N LEU A 485 -10.64 -4.30 -17.21
CA LEU A 485 -10.58 -5.68 -16.77
C LEU A 485 -9.90 -6.57 -17.80
N GLN A 486 -9.27 -7.61 -17.29
CA GLN A 486 -8.60 -8.61 -18.11
C GLN A 486 -9.33 -9.89 -17.81
N LYS A 487 -10.37 -10.19 -18.60
CA LYS A 487 -11.16 -11.39 -18.37
C LYS A 487 -10.32 -12.66 -18.41
N GLU A 488 -10.89 -13.74 -17.91
CA GLU A 488 -10.19 -15.01 -17.85
C GLU A 488 -10.79 -15.99 -18.84
N ASN A 489 -9.98 -16.93 -19.32
CA ASN A 489 -10.48 -17.95 -20.24
C ASN A 489 -9.77 -19.27 -19.94
N SER A 490 -9.59 -19.55 -18.65
CA SER A 490 -8.94 -20.77 -18.18
C SER A 490 -9.64 -21.98 -18.77
N LYS A 491 -8.87 -22.92 -19.31
CA LYS A 491 -9.48 -24.13 -19.86
C LYS A 491 -9.53 -25.19 -18.77
N ARG A 492 -9.32 -24.72 -17.55
CA ARG A 492 -9.36 -25.58 -16.38
C ARG A 492 -10.70 -26.27 -16.35
N TRP A 493 -10.72 -27.52 -15.89
CA TRP A 493 -11.95 -28.29 -15.84
C TRP A 493 -12.62 -28.28 -14.49
N ASN A 494 -11.84 -28.40 -13.42
CA ASN A 494 -12.41 -28.41 -12.08
C ASN A 494 -12.67 -27.01 -11.56
N PRO A 495 -13.62 -26.88 -10.61
CA PRO A 495 -13.96 -25.58 -10.03
C PRO A 495 -12.75 -24.88 -9.42
N GLU A 496 -12.78 -23.56 -9.42
CA GLU A 496 -11.69 -22.78 -8.87
C GLU A 496 -12.07 -22.37 -7.46
N VAL A 497 -11.12 -21.79 -6.74
CA VAL A 497 -11.40 -21.31 -5.40
C VAL A 497 -12.08 -19.97 -5.62
N GLN A 498 -12.93 -19.53 -4.70
CA GLN A 498 -13.61 -18.25 -4.90
C GLN A 498 -13.85 -17.61 -3.56
N TYR A 499 -13.78 -16.28 -3.49
CA TYR A 499 -14.04 -15.65 -2.21
C TYR A 499 -15.52 -15.78 -1.98
N THR A 500 -15.90 -16.23 -0.80
CA THR A 500 -17.31 -16.39 -0.48
C THR A 500 -17.53 -16.09 0.98
N SER A 501 -18.65 -15.43 1.30
CA SER A 501 -18.95 -15.13 2.69
C SER A 501 -19.42 -16.44 3.29
N ASN A 502 -19.13 -16.67 4.55
CA ASN A 502 -19.54 -17.93 5.14
C ASN A 502 -21.07 -17.94 5.28
N TYR A 503 -21.68 -19.07 4.94
CA TYR A 503 -23.13 -19.19 5.01
C TYR A 503 -23.65 -19.57 6.40
N ALA A 504 -22.77 -20.14 7.22
CA ALA A 504 -23.12 -20.53 8.58
C ALA A 504 -23.69 -19.32 9.33
N LYS A 505 -24.79 -19.52 10.06
CA LYS A 505 -25.42 -18.43 10.80
C LYS A 505 -24.51 -17.76 11.84
N SER A 506 -24.79 -16.50 12.16
CA SER A 506 -24.02 -15.76 13.16
C SER A 506 -24.74 -14.47 13.58
N ALA A 507 -24.17 -13.79 14.57
CA ALA A 507 -24.77 -12.56 15.10
C ALA A 507 -24.67 -11.35 14.19
N ASN A 508 -23.59 -11.22 13.42
CA ASN A 508 -23.44 -10.06 12.53
C ASN A 508 -23.03 -10.45 11.14
N VAL A 509 -23.41 -9.62 10.17
CA VAL A 509 -23.06 -9.89 8.78
C VAL A 509 -21.73 -9.20 8.43
N ASP A 510 -20.86 -9.92 7.72
CA ASP A 510 -19.56 -9.40 7.33
C ASP A 510 -19.66 -8.14 6.48
N PHE A 511 -18.80 -7.16 6.78
CA PHE A 511 -18.79 -5.89 6.07
C PHE A 511 -20.17 -5.26 6.18
N THR A 512 -20.52 -4.94 7.42
CA THR A 512 -21.81 -4.40 7.72
C THR A 512 -21.73 -3.55 8.99
N VAL A 513 -22.75 -2.73 9.25
CA VAL A 513 -22.76 -1.94 10.46
C VAL A 513 -23.29 -2.82 11.58
N ASP A 514 -23.10 -2.41 12.83
CA ASP A 514 -23.61 -3.16 13.96
C ASP A 514 -24.76 -2.36 14.54
N ASN A 515 -25.22 -2.79 15.70
CA ASN A 515 -26.33 -2.14 16.40
C ASN A 515 -26.05 -0.68 16.79
N ASN A 516 -24.79 -0.25 16.68
CA ASN A 516 -24.40 1.11 17.03
C ASN A 516 -24.05 1.95 15.82
N GLY A 517 -24.14 1.33 14.64
CA GLY A 517 -23.84 2.05 13.40
C GLY A 517 -22.36 2.14 13.07
N LEU A 518 -21.58 1.18 13.52
CA LEU A 518 -20.16 1.21 13.24
C LEU A 518 -19.84 0.21 12.13
N TYR A 519 -19.42 0.72 10.97
CA TYR A 519 -19.08 -0.17 9.85
C TYR A 519 -17.82 -0.93 10.21
N THR A 520 -17.75 -2.20 9.80
CA THR A 520 -16.61 -3.01 10.15
C THR A 520 -16.14 -3.93 9.03
N GLU A 521 -14.83 -3.92 8.74
CA GLU A 521 -14.26 -4.80 7.71
C GLU A 521 -13.61 -6.01 8.39
N PRO A 522 -14.35 -7.09 8.50
CA PRO A 522 -13.91 -8.29 9.22
C PRO A 522 -12.53 -8.85 8.85
N ARG A 523 -12.24 -9.05 7.57
CA ARG A 523 -10.94 -9.61 7.20
C ARG A 523 -10.37 -8.88 6.00
N PRO A 524 -9.11 -9.16 5.65
CA PRO A 524 -8.54 -8.48 4.48
C PRO A 524 -8.79 -9.39 3.29
N ILE A 525 -9.31 -8.85 2.18
CA ILE A 525 -9.56 -9.68 0.99
C ILE A 525 -8.47 -9.42 -0.05
N GLY A 526 -7.86 -10.50 -0.54
CA GLY A 526 -6.83 -10.35 -1.55
C GLY A 526 -7.49 -10.27 -2.92
N THR A 527 -6.79 -10.70 -3.97
CA THR A 527 -7.37 -10.66 -5.31
C THR A 527 -6.98 -11.94 -6.03
N ARG A 528 -6.14 -12.72 -5.38
CA ARG A 528 -5.66 -13.94 -5.98
C ARG A 528 -6.44 -15.20 -5.63
N TYR A 529 -7.45 -15.49 -6.46
CA TYR A 529 -8.28 -16.68 -6.28
C TYR A 529 -8.26 -17.54 -7.53
N LEU A 530 -8.43 -16.90 -8.68
CA LEU A 530 -8.43 -17.61 -9.95
C LEU A 530 -7.06 -18.20 -10.28
N THR A 531 -7.09 -19.27 -11.03
CA THR A 531 -5.89 -19.99 -11.39
C THR A 531 -5.42 -19.76 -12.80
N ARG A 532 -4.10 -19.81 -12.98
CA ARG A 532 -3.50 -19.65 -14.28
C ARG A 532 -2.18 -20.41 -14.25
N PRO A 533 -1.94 -21.28 -15.23
CA PRO A 533 -0.69 -22.04 -15.25
C PRO A 533 0.49 -21.16 -15.61
N LEU A 534 1.68 -21.57 -15.21
CA LEU A 534 2.92 -20.83 -15.50
C LEU A 534 3.28 -20.76 -17.01
#